data_1AT3
#
_entry.id   1AT3
#
_cell.length_a   71.720
_cell.length_b   87.430
_cell.length_c   77.280
_cell.angle_alpha   90.00
_cell.angle_beta   90.00
_cell.angle_gamma   90.00
#
_symmetry.space_group_name_H-M   'P 21 21 2'
#
loop_
_entity.id
_entity.type
_entity.pdbx_description
1 polymer 'HERPES SIMPLEX VIRUS TYPE II PROTEASE'
2 non-polymer 'DIISOPROPYL PHOSPHONATE'
3 water water
#
_entity_poly.entity_id   1
_entity_poly.type   'polypeptide(L)'
_entity_poly.pdbx_seq_one_letter_code
;MASAEMRERLEAPLPDRAVPIYVAGFLALYDSGDPGELALDPDTVRAALPPENPLPINVDHRARCEVGRVLAVVNDPRGP
FFVGLIACVQLERVLETAASAAIFERRGPALSREERLLYLITNYLPSVSLSTKRRGDEVPPDRTLFAHVALCAIGRRLGT
IVTYDTSLDAAIAPFRHLDPATREGVRREAAEAELALAGRTWAPGVEALTHTLLSTAVNNMMLRDRWSLVAERRRQAGIA
GHTYLQA
;
_entity_poly.pdbx_strand_id   A,B
#
# COMPACT_ATOMS: atom_id res chain seq x y z
N ARG A 17 -3.21 -21.11 -19.20
CA ARG A 17 -3.41 -19.62 -19.18
C ARG A 17 -2.67 -18.96 -18.01
N ALA A 18 -2.64 -19.68 -16.90
CA ALA A 18 -1.94 -19.17 -15.69
C ALA A 18 -0.45 -19.41 -15.91
N VAL A 19 0.33 -18.49 -15.37
CA VAL A 19 1.81 -18.56 -15.41
C VAL A 19 2.11 -19.24 -14.06
N PRO A 20 2.68 -20.46 -14.12
CA PRO A 20 3.00 -21.15 -12.87
C PRO A 20 4.18 -20.42 -12.29
N ILE A 21 4.02 -19.95 -11.09
CA ILE A 21 5.09 -19.22 -10.41
C ILE A 21 5.60 -20.06 -9.25
N TYR A 22 6.93 -20.12 -9.11
CA TYR A 22 7.60 -20.84 -7.98
C TYR A 22 8.08 -19.79 -6.95
N VAL A 23 7.86 -20.09 -5.68
CA VAL A 23 8.29 -19.22 -4.58
C VAL A 23 9.29 -20.13 -3.85
N ALA A 24 10.31 -19.55 -3.28
CA ALA A 24 11.31 -20.33 -2.55
C ALA A 24 11.84 -19.37 -1.52
N GLY A 25 12.19 -19.88 -0.34
CA GLY A 25 12.72 -19.02 0.71
C GLY A 25 12.70 -19.77 2.00
N PHE A 26 13.27 -19.18 3.03
CA PHE A 26 13.31 -19.80 4.37
C PHE A 26 12.02 -19.40 5.10
N LEU A 27 11.43 -20.39 5.73
CA LEU A 27 10.22 -20.18 6.51
C LEU A 27 10.68 -19.58 7.86
N ALA A 28 11.93 -19.87 8.21
CA ALA A 28 12.55 -19.41 9.46
C ALA A 28 14.06 -19.73 9.46
N LEU A 29 14.83 -18.91 10.20
CA LEU A 29 16.31 -19.13 10.33
C LEU A 29 16.47 -19.56 11.78
N TYR A 30 17.18 -20.67 11.97
CA TYR A 30 17.41 -21.29 13.29
C TYR A 30 18.01 -20.48 14.46
N ASP A 31 19.13 -19.83 14.28
CA ASP A 31 19.67 -19.07 15.45
C ASP A 31 19.80 -17.64 14.98
N SER A 32 18.63 -17.08 14.64
CA SER A 32 18.52 -15.69 14.09
C SER A 32 18.23 -14.56 15.09
N GLY A 33 17.63 -14.94 16.21
CA GLY A 33 17.29 -13.97 17.21
C GLY A 33 15.81 -13.71 17.23
N ASP A 34 15.00 -14.60 16.64
CA ASP A 34 13.49 -14.41 16.63
C ASP A 34 13.05 -14.34 18.10
N PRO A 35 12.03 -13.54 18.39
CA PRO A 35 11.56 -13.43 19.78
C PRO A 35 11.26 -14.82 20.36
N GLY A 36 10.99 -14.86 21.66
CA GLY A 36 10.74 -16.13 22.33
C GLY A 36 9.75 -17.01 21.61
N GLU A 37 8.55 -16.48 21.43
CA GLU A 37 7.46 -17.21 20.76
C GLU A 37 7.69 -17.71 19.32
N LEU A 38 8.10 -16.79 18.47
CA LEU A 38 8.31 -17.08 17.04
C LEU A 38 9.42 -18.08 16.68
N ALA A 39 10.47 -18.10 17.49
CA ALA A 39 11.64 -18.98 17.27
C ALA A 39 11.30 -20.42 16.89
N LEU A 40 12.12 -20.97 16.02
CA LEU A 40 11.96 -22.36 15.56
C LEU A 40 13.32 -23.01 15.67
N ASP A 41 13.33 -24.29 16.01
CA ASP A 41 14.59 -25.02 16.17
C ASP A 41 14.61 -26.32 15.35
N PRO A 42 15.80 -26.88 15.15
CA PRO A 42 15.96 -28.12 14.37
C PRO A 42 15.11 -29.29 14.76
N ASP A 43 15.09 -29.60 16.04
CA ASP A 43 14.28 -30.75 16.47
C ASP A 43 12.78 -30.58 16.25
N THR A 44 12.26 -29.37 16.48
CA THR A 44 10.82 -29.12 16.26
C THR A 44 10.48 -29.15 14.77
N VAL A 45 11.44 -28.76 13.94
CA VAL A 45 11.16 -28.81 12.52
C VAL A 45 11.22 -30.26 12.08
N ARG A 46 12.20 -30.97 12.62
CA ARG A 46 12.41 -32.38 12.29
C ARG A 46 11.11 -33.16 12.52
N ALA A 47 10.49 -32.87 13.64
CA ALA A 47 9.24 -33.54 14.03
C ALA A 47 7.99 -33.11 13.23
N ALA A 48 8.10 -32.04 12.46
CA ALA A 48 6.96 -31.54 11.68
C ALA A 48 7.02 -32.00 10.24
N LEU A 49 8.13 -32.62 9.86
CA LEU A 49 8.31 -33.06 8.49
C LEU A 49 8.22 -34.57 8.31
N PRO A 50 7.49 -35.03 7.26
CA PRO A 50 6.74 -34.26 6.27
C PRO A 50 5.46 -33.77 6.89
N PRO A 51 4.90 -32.69 6.34
CA PRO A 51 3.65 -32.19 6.91
C PRO A 51 2.54 -33.24 6.77
N GLU A 52 1.73 -33.37 7.81
CA GLU A 52 0.60 -34.32 7.78
C GLU A 52 -0.27 -34.00 6.53
N ASN A 53 -0.64 -32.72 6.45
CA ASN A 53 -1.46 -32.26 5.33
C ASN A 53 -0.74 -31.19 4.52
N PRO A 54 -1.06 -31.08 3.23
CA PRO A 54 -0.43 -30.10 2.33
C PRO A 54 -0.55 -28.71 2.88
N LEU A 55 0.46 -27.91 2.60
CA LEU A 55 0.44 -26.56 3.06
C LEU A 55 0.01 -25.71 1.93
N PRO A 56 -1.17 -25.13 2.06
CA PRO A 56 -1.71 -24.24 1.02
C PRO A 56 -0.95 -22.91 1.12
N ILE A 57 -0.98 -22.11 0.06
CA ILE A 57 -0.33 -20.80 0.11
C ILE A 57 -1.43 -19.78 -0.08
N ASN A 58 -1.54 -18.85 0.84
CA ASN A 58 -2.54 -17.82 0.70
C ASN A 58 -1.94 -16.43 0.83
N VAL A 59 -2.72 -15.40 0.54
CA VAL A 59 -2.22 -14.02 0.60
C VAL A 59 -2.60 -13.38 1.92
N ASP A 60 -1.61 -12.85 2.60
CA ASP A 60 -1.83 -12.17 3.90
C ASP A 60 -2.86 -12.88 4.86
N HIS A 61 -2.56 -14.13 5.16
CA HIS A 61 -3.36 -15.02 6.06
C HIS A 61 -4.87 -15.08 5.89
N ARG A 62 -5.38 -14.31 4.93
CA ARG A 62 -6.80 -14.30 4.59
C ARG A 62 -6.98 -15.71 3.98
N ALA A 63 -7.37 -16.67 4.82
CA ALA A 63 -7.52 -18.09 4.38
C ALA A 63 -8.46 -18.32 3.17
N ARG A 64 -9.21 -17.29 2.79
CA ARG A 64 -10.13 -17.37 1.58
C ARG A 64 -9.26 -17.29 0.31
N CYS A 65 -8.11 -16.62 0.48
CA CYS A 65 -7.14 -16.37 -0.62
C CYS A 65 -6.12 -17.42 -0.92
N GLU A 66 -6.57 -18.62 -1.19
CA GLU A 66 -5.63 -19.65 -1.49
C GLU A 66 -5.26 -19.39 -2.96
N VAL A 67 -3.95 -19.36 -3.24
CA VAL A 67 -3.46 -19.10 -4.61
C VAL A 67 -2.42 -20.16 -5.07
N GLY A 68 -2.07 -21.05 -4.15
CA GLY A 68 -1.09 -22.04 -4.47
C GLY A 68 -0.93 -23.15 -3.44
N ARG A 69 0.16 -23.89 -3.56
CA ARG A 69 0.44 -25.04 -2.68
C ARG A 69 1.96 -25.23 -2.49
N VAL A 70 2.35 -25.38 -1.22
CA VAL A 70 3.74 -25.63 -0.84
C VAL A 70 4.11 -27.04 -1.36
N LEU A 71 5.07 -27.09 -2.29
CA LEU A 71 5.52 -28.39 -2.86
C LEU A 71 6.48 -29.21 -1.93
N ALA A 72 7.47 -28.53 -1.35
CA ALA A 72 8.47 -29.16 -0.45
C ALA A 72 9.00 -28.24 0.63
N VAL A 73 9.22 -28.84 1.80
CA VAL A 73 9.78 -28.15 2.97
C VAL A 73 10.95 -29.05 3.38
N VAL A 74 12.17 -28.53 3.30
CA VAL A 74 13.36 -29.33 3.66
C VAL A 74 14.09 -28.65 4.81
N ASN A 75 14.45 -29.45 5.81
CA ASN A 75 15.18 -28.90 6.97
C ASN A 75 16.65 -28.68 6.57
N ASP A 76 16.98 -27.43 6.31
CA ASP A 76 18.34 -27.08 5.93
C ASP A 76 19.07 -26.74 7.22
N PRO A 77 20.40 -26.94 7.25
CA PRO A 77 21.18 -26.63 8.45
C PRO A 77 20.91 -25.20 8.97
N ARG A 78 20.40 -24.34 8.11
CA ARG A 78 20.09 -22.95 8.49
C ARG A 78 18.61 -22.71 8.92
N GLY A 79 17.71 -23.56 8.47
CA GLY A 79 16.31 -23.38 8.82
C GLY A 79 15.44 -24.10 7.82
N PRO A 80 14.14 -24.19 8.09
CA PRO A 80 13.23 -24.88 7.19
C PRO A 80 13.06 -24.05 5.94
N PHE A 81 13.48 -24.64 4.82
CA PHE A 81 13.41 -24.00 3.52
C PHE A 81 12.22 -24.61 2.75
N PHE A 82 11.51 -23.82 1.95
CA PHE A 82 10.37 -24.40 1.21
C PHE A 82 10.32 -23.95 -0.25
N VAL A 83 9.57 -24.70 -1.04
CA VAL A 83 9.35 -24.36 -2.43
C VAL A 83 7.87 -24.55 -2.71
N GLY A 84 7.26 -23.48 -3.22
CA GLY A 84 5.84 -23.49 -3.53
C GLY A 84 5.51 -23.16 -4.97
N LEU A 85 4.25 -23.42 -5.32
CA LEU A 85 3.73 -23.16 -6.66
C LEU A 85 2.44 -22.33 -6.56
N ILE A 86 2.41 -21.27 -7.34
CA ILE A 86 1.27 -20.35 -7.38
C ILE A 86 0.74 -20.42 -8.82
N ALA A 87 -0.47 -20.93 -8.96
CA ALA A 87 -1.08 -21.03 -10.30
C ALA A 87 -2.42 -20.31 -10.12
N CYS A 88 -2.39 -19.00 -10.36
CA CYS A 88 -3.55 -18.14 -10.17
C CYS A 88 -3.49 -17.01 -11.16
N VAL A 89 -4.45 -17.00 -12.08
CA VAL A 89 -4.58 -16.00 -13.15
C VAL A 89 -5.22 -14.69 -12.67
N GLN A 90 -6.11 -14.81 -11.69
CA GLN A 90 -6.79 -13.62 -11.13
C GLN A 90 -5.79 -12.72 -10.42
N LEU A 91 -4.90 -13.35 -9.66
CA LEU A 91 -3.82 -12.67 -8.92
C LEU A 91 -2.95 -11.90 -9.95
N GLU A 92 -2.72 -12.54 -11.11
CA GLU A 92 -1.97 -11.94 -12.24
C GLU A 92 -2.64 -10.67 -12.70
N ARG A 93 -3.89 -10.80 -13.13
CA ARG A 93 -4.72 -9.67 -13.63
C ARG A 93 -4.87 -8.53 -12.64
N VAL A 94 -5.36 -8.84 -11.44
CA VAL A 94 -5.54 -7.83 -10.35
C VAL A 94 -4.26 -6.94 -10.17
N LEU A 95 -3.09 -7.58 -10.20
CA LEU A 95 -1.72 -6.93 -10.07
C LEU A 95 -1.37 -6.14 -11.37
N GLU A 96 -1.46 -6.83 -12.50
CA GLU A 96 -1.20 -6.25 -13.84
C GLU A 96 -2.00 -4.98 -14.12
N THR A 97 -3.26 -4.98 -13.68
CA THR A 97 -4.12 -3.84 -13.94
C THR A 97 -3.91 -2.72 -12.91
N ALA A 98 -3.56 -3.09 -11.69
CA ALA A 98 -3.33 -2.08 -10.62
C ALA A 98 -2.11 -1.29 -11.00
N ALA A 99 -1.12 -1.99 -11.51
CA ALA A 99 0.13 -1.37 -11.90
C ALA A 99 -0.14 -0.45 -13.09
N SER A 100 -0.31 0.83 -12.81
CA SER A 100 -0.49 1.83 -13.91
C SER A 100 1.00 2.19 -14.13
N ALA A 101 1.72 1.10 -14.38
CA ALA A 101 3.15 1.09 -14.54
C ALA A 101 3.76 2.01 -15.58
N ALA A 102 4.81 2.64 -15.09
CA ALA A 102 5.63 3.51 -15.88
C ALA A 102 6.73 2.47 -16.20
N ILE A 103 7.41 2.04 -15.12
CA ILE A 103 8.47 1.04 -15.20
C ILE A 103 8.58 0.29 -13.86
N LEU A 111 9.21 -3.66 -20.33
CA LEU A 111 10.11 -4.72 -19.78
C LEU A 111 9.92 -5.92 -20.74
N SER A 112 9.14 -6.91 -20.29
CA SER A 112 8.87 -8.06 -21.15
C SER A 112 7.49 -8.64 -21.11
N ARG A 113 7.18 -9.38 -20.05
CA ARG A 113 5.87 -10.05 -20.00
C ARG A 113 5.52 -10.63 -18.61
N GLU A 114 5.69 -11.94 -18.47
CA GLU A 114 5.48 -12.56 -17.17
C GLU A 114 6.57 -12.03 -16.21
N GLU A 115 7.59 -11.41 -16.77
CA GLU A 115 8.69 -10.80 -15.97
C GLU A 115 8.10 -9.56 -15.27
N ARG A 116 7.19 -8.90 -15.97
CA ARG A 116 6.49 -7.74 -15.41
C ARG A 116 5.70 -8.29 -14.20
N LEU A 117 5.18 -9.50 -14.38
CA LEU A 117 4.43 -10.14 -13.32
C LEU A 117 5.36 -10.50 -12.18
N LEU A 118 6.53 -11.04 -12.54
CA LEU A 118 7.54 -11.43 -11.50
C LEU A 118 8.00 -10.23 -10.70
N TYR A 119 8.23 -9.14 -11.44
CA TYR A 119 8.66 -7.87 -10.86
C TYR A 119 7.58 -7.33 -9.92
N LEU A 120 6.33 -7.41 -10.37
CA LEU A 120 5.17 -6.93 -9.57
C LEU A 120 4.93 -7.76 -8.30
N ILE A 121 4.91 -9.08 -8.40
CA ILE A 121 4.64 -9.90 -7.18
C ILE A 121 5.79 -9.87 -6.15
N THR A 122 7.03 -9.93 -6.64
CA THR A 122 8.24 -9.90 -5.78
C THR A 122 8.34 -8.69 -4.85
N ASN A 123 8.20 -7.51 -5.44
CA ASN A 123 8.30 -6.27 -4.67
C ASN A 123 7.07 -5.94 -3.85
N TYR A 124 5.91 -6.46 -4.24
CA TYR A 124 4.67 -6.21 -3.46
C TYR A 124 4.58 -7.22 -2.31
N LEU A 125 4.86 -8.48 -2.65
CA LEU A 125 4.80 -9.55 -1.66
C LEU A 125 6.17 -10.24 -1.49
N PRO A 126 7.14 -9.50 -0.91
CA PRO A 126 8.50 -10.05 -0.72
C PRO A 126 8.76 -11.08 0.43
N SER A 127 7.80 -11.25 1.35
CA SER A 127 7.96 -12.19 2.51
C SER A 127 7.01 -13.40 2.63
N VAL A 128 7.41 -14.36 3.47
CA VAL A 128 6.55 -15.54 3.78
C VAL A 128 6.29 -15.45 5.24
N SER A 129 5.27 -16.17 5.66
CA SER A 129 4.93 -16.18 7.05
C SER A 129 4.32 -17.52 7.29
N LEU A 130 5.01 -18.32 8.07
CA LEU A 130 4.53 -19.67 8.40
C LEU A 130 3.62 -19.63 9.59
N SER A 131 2.48 -20.27 9.47
CA SER A 131 1.57 -20.35 10.63
C SER A 131 1.63 -21.79 11.18
N THR A 132 1.75 -21.89 12.49
CA THR A 132 1.82 -23.19 13.18
C THR A 132 0.57 -23.31 14.07
N LYS A 133 0.01 -24.52 14.15
CA LYS A 133 -1.19 -24.77 15.00
C LYS A 133 -0.74 -24.85 16.49
N PRO A 141 5.39 -31.79 19.99
CA PRO A 141 5.26 -31.35 18.57
C PRO A 141 5.05 -32.60 17.66
N ASP A 142 4.43 -32.38 16.50
CA ASP A 142 4.15 -33.50 15.55
C ASP A 142 3.94 -32.99 14.10
N ARG A 143 3.72 -33.92 13.18
CA ARG A 143 3.53 -33.61 11.72
C ARG A 143 2.41 -32.61 11.33
N THR A 144 1.57 -32.22 12.29
CA THR A 144 0.47 -31.26 12.02
C THR A 144 0.81 -29.83 12.53
N LEU A 145 2.07 -29.63 12.91
CA LEU A 145 2.51 -28.32 13.44
C LEU A 145 2.39 -27.19 12.38
N PHE A 146 2.93 -27.46 11.19
CA PHE A 146 2.86 -26.49 10.11
C PHE A 146 1.45 -26.44 9.52
N ALA A 147 0.79 -25.28 9.70
CA ALA A 147 -0.60 -25.05 9.22
C ALA A 147 -0.66 -24.59 7.75
N HIS A 148 0.00 -23.46 7.45
CA HIS A 148 0.05 -22.90 6.07
C HIS A 148 1.06 -21.74 5.99
N VAL A 149 1.31 -21.31 4.75
CA VAL A 149 2.24 -20.17 4.55
C VAL A 149 1.46 -19.07 3.86
N ALA A 150 1.75 -17.86 4.31
CA ALA A 150 1.08 -16.69 3.79
C ALA A 150 2.13 -15.79 3.16
N LEU A 151 1.82 -15.30 1.97
CA LEU A 151 2.69 -14.35 1.26
C LEU A 151 2.28 -13.02 1.90
N CYS A 152 3.25 -12.14 2.13
CA CYS A 152 2.91 -10.84 2.73
C CYS A 152 4.03 -9.85 2.44
N ALA A 153 3.87 -8.62 2.91
CA ALA A 153 4.89 -7.57 2.69
C ALA A 153 6.08 -7.69 3.61
N ILE A 154 5.80 -7.89 4.88
CA ILE A 154 6.86 -7.99 5.88
C ILE A 154 6.38 -9.06 6.91
N GLY A 155 7.18 -10.12 7.04
CA GLY A 155 6.88 -11.20 7.95
C GLY A 155 7.36 -10.90 9.35
N ARG A 156 7.05 -11.76 10.31
CA ARG A 156 7.47 -11.51 11.70
C ARG A 156 8.79 -12.20 12.13
N ARG A 157 9.16 -13.22 11.40
CA ARG A 157 10.41 -13.92 11.70
C ARG A 157 11.48 -13.36 10.74
N LEU A 158 12.74 -13.51 11.14
CA LEU A 158 13.88 -13.00 10.35
C LEU A 158 14.18 -13.80 9.11
N GLY A 159 14.98 -13.20 8.23
CA GLY A 159 15.38 -13.84 7.00
C GLY A 159 14.29 -14.42 6.12
N THR A 160 13.04 -14.05 6.36
CA THR A 160 11.93 -14.58 5.57
C THR A 160 11.62 -13.84 4.30
N ILE A 161 12.64 -13.63 3.48
CA ILE A 161 12.42 -12.96 2.22
C ILE A 161 12.42 -14.06 1.17
N VAL A 162 11.38 -14.07 0.32
CA VAL A 162 11.25 -15.12 -0.73
C VAL A 162 11.69 -14.66 -2.13
N THR A 163 11.73 -15.65 -3.03
CA THR A 163 12.13 -15.47 -4.45
C THR A 163 10.98 -16.09 -5.28
N TYR A 164 10.68 -15.47 -6.41
CA TYR A 164 9.62 -15.93 -7.32
C TYR A 164 10.21 -16.09 -8.70
N ASP A 165 9.89 -17.18 -9.37
CA ASP A 165 10.39 -17.35 -10.76
C ASP A 165 9.55 -18.39 -11.47
N THR A 166 9.71 -18.48 -12.79
CA THR A 166 8.93 -19.45 -13.59
C THR A 166 9.58 -20.82 -13.73
N SER A 167 10.62 -21.05 -12.94
CA SER A 167 11.30 -22.35 -12.95
C SER A 167 11.75 -22.54 -11.52
N LEU A 168 11.66 -23.77 -11.04
CA LEU A 168 12.06 -24.05 -9.65
C LEU A 168 13.55 -23.73 -9.45
N ASP A 169 14.35 -24.21 -10.38
CA ASP A 169 15.82 -24.01 -10.37
C ASP A 169 16.19 -22.52 -10.30
N ALA A 170 15.42 -21.72 -11.03
CA ALA A 170 15.66 -20.26 -11.08
C ALA A 170 15.21 -19.56 -9.80
N ALA A 171 14.24 -20.15 -9.14
CA ALA A 171 13.73 -19.60 -7.90
C ALA A 171 14.70 -19.93 -6.73
N ILE A 172 15.35 -21.08 -6.79
CA ILE A 172 16.29 -21.43 -5.70
C ILE A 172 17.73 -20.92 -5.88
N ALA A 173 18.11 -20.66 -7.13
CA ALA A 173 19.49 -20.18 -7.46
C ALA A 173 20.00 -18.94 -6.69
N PRO A 174 19.12 -17.96 -6.37
CA PRO A 174 19.65 -16.81 -5.63
C PRO A 174 20.00 -17.17 -4.20
N PHE A 175 19.70 -18.40 -3.80
CA PHE A 175 20.03 -18.82 -2.44
C PHE A 175 21.39 -19.48 -2.45
N ARG A 176 22.38 -18.68 -2.06
CA ARG A 176 23.78 -19.12 -2.03
C ARG A 176 24.19 -19.83 -0.73
N HIS A 177 23.51 -19.57 0.38
CA HIS A 177 23.87 -20.26 1.64
C HIS A 177 22.91 -21.41 1.85
N LEU A 178 22.94 -22.34 0.90
CA LEU A 178 22.04 -23.51 0.95
C LEU A 178 22.82 -24.83 0.83
N ASP A 179 22.58 -25.71 1.78
CA ASP A 179 23.24 -27.00 1.78
C ASP A 179 22.89 -27.68 0.44
N PRO A 180 23.89 -28.34 -0.17
CA PRO A 180 23.74 -29.04 -1.44
C PRO A 180 22.62 -30.07 -1.37
N ALA A 181 22.50 -30.72 -0.22
CA ALA A 181 21.45 -31.74 -0.01
C ALA A 181 20.07 -31.10 -0.12
N THR A 182 19.92 -29.94 0.49
CA THR A 182 18.63 -29.24 0.44
C THR A 182 18.18 -29.03 -0.99
N ARG A 183 19.10 -28.56 -1.82
CA ARG A 183 18.82 -28.33 -3.23
C ARG A 183 18.37 -29.62 -3.90
N GLU A 184 19.17 -30.66 -3.75
CA GLU A 184 18.83 -31.95 -4.38
C GLU A 184 17.54 -32.61 -3.86
N GLY A 185 17.18 -32.27 -2.64
CA GLY A 185 15.99 -32.84 -2.04
C GLY A 185 14.75 -32.05 -2.38
N VAL A 186 14.91 -30.73 -2.46
CA VAL A 186 13.76 -29.86 -2.75
C VAL A 186 13.33 -29.96 -4.21
N ARG A 187 14.28 -30.37 -5.04
CA ARG A 187 14.02 -30.56 -6.49
C ARG A 187 13.27 -31.89 -6.71
N ARG A 188 13.69 -32.89 -5.95
CA ARG A 188 13.12 -34.25 -6.03
C ARG A 188 11.66 -34.24 -5.53
N GLU A 189 11.46 -33.75 -4.32
CA GLU A 189 10.12 -33.70 -3.76
C GLU A 189 9.20 -32.84 -4.60
N ALA A 190 9.66 -31.64 -4.95
CA ALA A 190 8.84 -30.68 -5.75
C ALA A 190 8.30 -31.24 -7.08
N ALA A 191 9.10 -32.07 -7.75
CA ALA A 191 8.69 -32.69 -9.04
C ALA A 191 7.53 -33.70 -8.84
N GLU A 192 7.67 -34.51 -7.80
CA GLU A 192 6.65 -35.50 -7.48
C GLU A 192 5.39 -34.76 -7.08
N ALA A 193 5.52 -33.90 -6.09
CA ALA A 193 4.41 -33.09 -5.56
C ALA A 193 3.64 -32.42 -6.68
N GLU A 194 4.38 -31.90 -7.65
CA GLU A 194 3.75 -31.25 -8.80
C GLU A 194 2.84 -32.17 -9.58
N LEU A 195 3.29 -33.41 -9.73
CA LEU A 195 2.52 -34.43 -10.47
C LEU A 195 1.08 -34.55 -9.97
N ALA A 196 0.92 -34.48 -8.64
CA ALA A 196 -0.41 -34.56 -8.04
C ALA A 196 -1.23 -33.32 -8.47
N LEU A 197 -0.92 -32.18 -7.87
CA LEU A 197 -1.67 -30.93 -8.20
C LEU A 197 -1.32 -30.42 -9.60
N ALA A 198 -1.00 -31.36 -10.48
CA ALA A 198 -0.64 -31.00 -11.86
C ALA A 198 -1.93 -30.57 -12.51
N GLY A 199 -1.91 -29.34 -12.97
CA GLY A 199 -3.07 -28.77 -13.62
C GLY A 199 -3.90 -27.91 -12.69
N ARG A 200 -3.77 -28.09 -11.38
CA ARG A 200 -4.55 -27.27 -10.48
C ARG A 200 -4.19 -25.79 -10.59
N THR A 201 -5.26 -25.00 -10.61
CA THR A 201 -5.23 -23.55 -10.67
C THR A 201 -6.11 -23.16 -9.51
N TRP A 202 -5.78 -22.04 -8.89
CA TRP A 202 -6.59 -21.56 -7.79
C TRP A 202 -7.38 -20.38 -8.37
N ALA A 203 -8.49 -20.05 -7.75
CA ALA A 203 -9.31 -18.91 -8.23
C ALA A 203 -10.11 -18.39 -7.04
N PRO A 204 -9.43 -17.68 -6.13
CA PRO A 204 -10.06 -17.12 -4.92
C PRO A 204 -11.16 -16.06 -5.11
N GLY A 205 -11.16 -15.41 -6.27
CA GLY A 205 -12.13 -14.37 -6.57
C GLY A 205 -11.41 -13.05 -6.73
N VAL A 206 -11.49 -12.41 -7.90
CA VAL A 206 -10.75 -11.16 -8.12
C VAL A 206 -11.07 -10.09 -7.08
N GLU A 207 -12.32 -9.98 -6.67
CA GLU A 207 -12.62 -8.97 -5.64
C GLU A 207 -11.99 -9.33 -4.31
N ALA A 208 -12.04 -10.63 -3.97
CA ALA A 208 -11.44 -11.13 -2.72
C ALA A 208 -9.96 -10.75 -2.80
N LEU A 209 -9.37 -11.04 -3.96
CA LEU A 209 -7.97 -10.75 -4.19
C LEU A 209 -7.69 -9.27 -4.08
N THR A 210 -8.56 -8.50 -4.71
CA THR A 210 -8.40 -7.05 -4.73
C THR A 210 -8.45 -6.48 -3.31
N HIS A 211 -9.44 -6.91 -2.55
CA HIS A 211 -9.61 -6.40 -1.16
C HIS A 211 -8.44 -6.83 -0.29
N THR A 212 -8.01 -8.08 -0.44
CA THR A 212 -6.89 -8.64 0.37
C THR A 212 -5.55 -7.87 0.17
N LEU A 213 -5.27 -7.50 -1.07
CA LEU A 213 -4.08 -6.75 -1.39
C LEU A 213 -4.16 -5.27 -0.92
N LEU A 214 -5.35 -4.70 -0.91
CA LEU A 214 -5.53 -3.32 -0.45
C LEU A 214 -5.17 -3.39 1.02
N SER A 215 -5.73 -4.40 1.68
CA SER A 215 -5.47 -4.66 3.14
C SER A 215 -3.95 -4.80 3.44
N THR A 216 -3.24 -5.50 2.57
CA THR A 216 -1.77 -5.66 2.73
C THR A 216 -1.10 -4.25 2.76
N ALA A 217 -1.61 -3.34 1.92
CA ALA A 217 -1.07 -1.98 1.85
C ALA A 217 -1.50 -1.15 3.06
N VAL A 218 -2.82 -1.10 3.29
CA VAL A 218 -3.35 -0.29 4.39
C VAL A 218 -2.75 -0.65 5.73
N ASN A 219 -2.58 -1.93 5.96
CA ASN A 219 -2.01 -2.38 7.25
C ASN A 219 -0.49 -2.20 7.42
N ASN A 220 0.19 -1.87 6.34
CA ASN A 220 1.63 -1.67 6.40
C ASN A 220 2.03 -0.24 6.08
N MET A 221 1.04 0.65 6.03
CA MET A 221 1.29 2.08 5.68
C MET A 221 2.14 2.79 6.72
N MET A 222 1.91 2.44 7.97
CA MET A 222 2.64 3.06 9.11
C MET A 222 4.08 2.58 9.32
N LEU A 223 4.55 1.75 8.40
CA LEU A 223 5.89 1.22 8.50
C LEU A 223 6.85 2.29 7.98
N ARG A 224 7.80 2.63 8.83
CA ARG A 224 8.83 3.60 8.44
C ARG A 224 9.84 2.85 7.55
N ASP A 225 9.86 3.23 6.28
CA ASP A 225 10.77 2.60 5.27
C ASP A 225 10.82 1.05 5.32
N ARG A 226 9.91 0.36 4.69
CA ARG A 226 9.97 -1.12 4.77
C ARG A 226 11.16 -1.75 4.01
N TRP A 227 11.69 -1.00 3.04
CA TRP A 227 12.81 -1.49 2.20
C TRP A 227 14.14 -1.75 2.92
N SER A 228 14.26 -1.15 4.10
CA SER A 228 15.45 -1.33 4.91
C SER A 228 15.39 -2.76 5.42
N LEU A 229 14.23 -3.09 5.99
CA LEU A 229 14.01 -4.43 6.53
C LEU A 229 14.20 -5.44 5.42
N VAL A 230 13.60 -5.15 4.26
CA VAL A 230 13.70 -6.07 3.13
C VAL A 230 15.19 -6.33 2.79
N ALA A 231 15.93 -5.25 2.75
CA ALA A 231 17.35 -5.32 2.41
C ALA A 231 18.09 -6.15 3.47
N GLU A 232 17.76 -5.84 4.70
CA GLU A 232 18.37 -6.50 5.81
C GLU A 232 18.08 -8.00 5.84
N ARG A 233 16.80 -8.34 5.65
CA ARG A 233 16.36 -9.78 5.71
C ARG A 233 16.70 -10.57 4.46
N ARG A 234 17.01 -9.84 3.40
CA ARG A 234 17.47 -10.46 2.15
C ARG A 234 18.91 -10.95 2.42
N ARG A 235 19.67 -10.14 3.15
CA ARG A 235 21.09 -10.44 3.52
C ARG A 235 21.19 -11.62 4.47
N GLN A 236 20.33 -11.60 5.48
CA GLN A 236 20.25 -12.72 6.48
C GLN A 236 19.95 -14.08 5.80
N ALA A 237 19.18 -14.03 4.70
CA ALA A 237 18.77 -15.26 3.93
C ALA A 237 19.85 -15.79 2.99
N GLY A 238 20.85 -14.95 2.73
CA GLY A 238 21.93 -15.34 1.84
C GLY A 238 21.47 -15.24 0.40
N ILE A 239 20.51 -14.34 0.13
CA ILE A 239 19.96 -14.15 -1.25
C ILE A 239 20.88 -13.16 -1.91
N ALA A 240 21.28 -13.51 -3.13
CA ALA A 240 22.17 -12.65 -3.89
C ALA A 240 22.03 -12.90 -5.37
N GLY A 241 22.25 -11.85 -6.13
CA GLY A 241 22.17 -11.99 -7.55
C GLY A 241 21.33 -10.93 -8.21
N HIS A 242 20.99 -11.20 -9.45
CA HIS A 242 20.20 -10.28 -10.25
C HIS A 242 18.73 -10.63 -9.97
N THR A 243 18.30 -10.29 -8.77
CA THR A 243 16.92 -10.58 -8.38
C THR A 243 15.97 -9.43 -8.82
N TYR A 244 14.67 -9.72 -8.91
CA TYR A 244 13.66 -8.68 -9.29
C TYR A 244 13.42 -7.80 -8.09
N LEU A 245 13.71 -8.38 -6.92
CA LEU A 245 13.54 -7.66 -5.64
C LEU A 245 14.41 -6.44 -5.73
N GLN A 246 13.78 -5.29 -5.62
CA GLN A 246 14.46 -3.98 -5.77
C GLN A 246 15.15 -3.49 -4.47
N ALA A 247 15.71 -4.43 -3.73
CA ALA A 247 16.36 -4.11 -2.46
C ALA A 247 17.40 -5.18 -2.16
N ARG B 17 -25.57 9.17 7.32
CA ARG B 17 -24.71 7.94 7.47
C ARG B 17 -23.21 8.24 7.18
N ALA B 18 -22.99 9.08 6.17
CA ALA B 18 -21.63 9.47 5.83
C ALA B 18 -21.17 10.43 6.93
N VAL B 19 -19.87 10.35 7.22
CA VAL B 19 -19.20 11.21 8.22
C VAL B 19 -18.59 12.24 7.30
N PRO B 20 -19.03 13.50 7.40
CA PRO B 20 -18.49 14.57 6.56
C PRO B 20 -17.08 14.87 7.06
N ILE B 21 -16.13 14.78 6.16
CA ILE B 21 -14.78 15.02 6.54
C ILE B 21 -14.36 16.26 5.81
N TYR B 22 -13.66 17.13 6.51
CA TYR B 22 -13.10 18.38 5.95
C TYR B 22 -11.58 18.23 5.69
N VAL B 23 -11.18 18.56 4.46
CA VAL B 23 -9.76 18.51 4.07
C VAL B 23 -9.33 19.97 3.97
N ALA B 24 -8.10 20.23 4.34
CA ALA B 24 -7.55 21.62 4.26
C ALA B 24 -6.07 21.46 3.97
N GLY B 25 -5.52 22.42 3.25
CA GLY B 25 -4.11 22.42 2.94
C GLY B 25 -3.78 23.39 1.85
N PHE B 26 -2.51 23.48 1.47
CA PHE B 26 -2.07 24.35 0.39
C PHE B 26 -2.03 23.49 -0.89
N LEU B 27 -2.61 24.06 -1.94
CA LEU B 27 -2.65 23.42 -3.24
C LEU B 27 -1.25 23.61 -3.83
N ALA B 28 -0.55 24.61 -3.31
CA ALA B 28 0.82 24.97 -3.75
C ALA B 28 1.40 26.14 -2.88
N LEU B 29 2.73 26.12 -2.73
CA LEU B 29 3.43 27.20 -2.00
C LEU B 29 4.08 28.08 -3.10
N TYR B 30 3.99 29.40 -2.95
CA TYR B 30 4.52 30.37 -3.95
C TYR B 30 6.01 30.38 -4.25
N ASP B 31 6.85 30.50 -3.23
CA ASP B 31 8.33 30.50 -3.52
C ASP B 31 9.04 29.36 -2.76
N SER B 32 8.64 28.14 -3.12
CA SER B 32 9.14 26.95 -2.47
C SER B 32 10.24 26.22 -3.18
N GLY B 33 10.25 26.28 -4.50
CA GLY B 33 11.26 25.56 -5.24
C GLY B 33 10.66 24.49 -6.12
N ASP B 34 9.41 24.69 -6.57
CA ASP B 34 8.72 23.71 -7.49
C ASP B 34 9.42 23.83 -8.87
N PRO B 35 9.69 22.69 -9.54
CA PRO B 35 10.34 22.73 -10.85
C PRO B 35 9.62 23.72 -11.78
N GLY B 36 10.25 23.98 -12.91
CA GLY B 36 9.70 24.92 -13.87
C GLY B 36 8.20 24.80 -14.13
N GLU B 37 7.81 23.66 -14.66
CA GLU B 37 6.40 23.37 -14.99
C GLU B 37 5.38 23.51 -13.80
N LEU B 38 5.62 22.80 -12.71
CA LEU B 38 4.66 22.80 -11.57
C LEU B 38 4.46 24.09 -10.81
N ALA B 39 5.44 24.95 -10.91
CA ALA B 39 5.43 26.24 -10.20
C ALA B 39 4.17 27.07 -10.39
N LEU B 40 3.66 27.58 -9.28
CA LEU B 40 2.46 28.45 -9.28
C LEU B 40 2.82 29.85 -8.69
N ASP B 41 2.27 30.92 -9.27
CA ASP B 41 2.57 32.27 -8.74
C ASP B 41 1.26 33.02 -8.41
N PRO B 42 1.36 34.08 -7.57
CA PRO B 42 0.22 34.89 -7.14
C PRO B 42 -0.67 35.43 -8.22
N ASP B 43 -0.08 35.92 -9.30
CA ASP B 43 -0.92 36.49 -10.39
C ASP B 43 -1.79 35.46 -11.10
N THR B 44 -1.18 34.34 -11.45
CA THR B 44 -1.91 33.24 -12.11
C THR B 44 -3.06 32.75 -11.20
N VAL B 45 -2.79 32.69 -9.90
CA VAL B 45 -3.82 32.22 -8.96
C VAL B 45 -4.92 33.25 -8.84
N ARG B 46 -4.49 34.51 -8.85
CA ARG B 46 -5.41 35.66 -8.75
C ARG B 46 -6.47 35.53 -9.88
N ALA B 47 -5.95 35.33 -11.08
CA ALA B 47 -6.77 35.18 -12.28
C ALA B 47 -7.67 33.96 -12.28
N ALA B 48 -7.26 32.91 -11.57
CA ALA B 48 -8.03 31.63 -11.53
C ALA B 48 -9.15 31.56 -10.46
N LEU B 49 -9.20 32.56 -9.59
CA LEU B 49 -10.20 32.56 -8.51
C LEU B 49 -11.25 33.66 -8.73
N PRO B 50 -12.55 33.33 -8.49
CA PRO B 50 -13.03 32.01 -8.06
C PRO B 50 -12.99 31.05 -9.25
N PRO B 51 -13.01 29.75 -8.98
CA PRO B 51 -12.98 28.80 -10.10
C PRO B 51 -14.29 28.98 -10.90
N GLU B 52 -14.17 28.86 -12.22
CA GLU B 52 -15.33 28.99 -13.13
C GLU B 52 -16.37 27.98 -12.69
N ASN B 53 -15.90 26.74 -12.55
CA ASN B 53 -16.76 25.63 -12.10
C ASN B 53 -16.23 24.98 -10.80
N PRO B 54 -17.12 24.43 -9.98
CA PRO B 54 -16.79 23.77 -8.72
C PRO B 54 -15.66 22.79 -8.94
N LEU B 55 -14.84 22.62 -7.91
CA LEU B 55 -13.73 21.67 -8.05
C LEU B 55 -14.11 20.36 -7.32
N PRO B 56 -14.24 19.29 -8.10
CA PRO B 56 -14.59 18.05 -7.44
C PRO B 56 -13.30 17.52 -6.80
N ILE B 57 -13.44 16.64 -5.83
CA ILE B 57 -12.25 16.02 -5.21
C ILE B 57 -12.30 14.53 -5.55
N ASN B 58 -11.21 13.99 -6.06
CA ASN B 58 -11.23 12.55 -6.34
C ASN B 58 -10.02 11.88 -5.75
N VAL B 59 -10.01 10.55 -5.79
CA VAL B 59 -8.85 9.80 -5.28
C VAL B 59 -7.92 9.50 -6.45
N ASP B 60 -6.65 9.83 -6.24
CA ASP B 60 -5.57 9.58 -7.21
C ASP B 60 -5.94 9.81 -8.72
N HIS B 61 -6.44 11.00 -9.02
CA HIS B 61 -6.80 11.41 -10.40
C HIS B 61 -7.73 10.55 -11.27
N ARG B 62 -8.14 9.42 -10.70
CA ARG B 62 -9.07 8.49 -11.36
C ARG B 62 -10.38 9.25 -11.23
N ALA B 63 -10.68 10.01 -12.28
CA ALA B 63 -11.90 10.85 -12.31
C ALA B 63 -13.20 10.13 -11.92
N ARG B 64 -13.21 8.82 -12.03
CA ARG B 64 -14.41 8.05 -11.64
C ARG B 64 -14.68 8.15 -10.15
N CYS B 65 -13.60 8.34 -9.39
CA CYS B 65 -13.71 8.39 -7.93
C CYS B 65 -13.98 9.71 -7.28
N GLU B 66 -15.04 10.35 -7.72
CA GLU B 66 -15.38 11.60 -7.10
C GLU B 66 -15.93 11.21 -5.72
N VAL B 67 -15.32 11.79 -4.68
CA VAL B 67 -15.71 11.51 -3.28
C VAL B 67 -16.01 12.81 -2.48
N GLY B 68 -15.76 13.96 -3.11
CA GLY B 68 -16.04 15.21 -2.42
C GLY B 68 -16.03 16.45 -3.30
N ARG B 69 -16.09 17.60 -2.64
CA ARG B 69 -16.13 18.88 -3.36
C ARG B 69 -15.40 19.95 -2.58
N VAL B 70 -14.55 20.67 -3.31
CA VAL B 70 -13.74 21.82 -2.82
C VAL B 70 -14.72 23.02 -2.59
N LEU B 71 -14.80 23.45 -1.33
CA LEU B 71 -15.70 24.55 -0.91
C LEU B 71 -15.13 25.96 -1.13
N ALA B 72 -13.86 26.13 -0.83
CA ALA B 72 -13.17 27.43 -0.96
C ALA B 72 -11.68 27.26 -1.26
N VAL B 73 -11.21 28.17 -2.09
CA VAL B 73 -9.81 28.23 -2.46
C VAL B 73 -9.54 29.75 -2.28
N VAL B 74 -8.73 30.10 -1.28
CA VAL B 74 -8.35 31.52 -1.01
C VAL B 74 -6.85 31.72 -1.31
N ASN B 75 -6.52 32.79 -2.00
CA ASN B 75 -5.12 33.07 -2.31
C ASN B 75 -4.44 33.69 -1.06
N ASP B 76 -3.76 32.85 -0.30
CA ASP B 76 -3.02 33.27 0.92
C ASP B 76 -1.67 33.82 0.42
N PRO B 77 -1.05 34.70 1.22
CA PRO B 77 0.24 35.28 0.88
C PRO B 77 1.27 34.22 0.54
N ARG B 78 1.04 33.01 1.09
CA ARG B 78 1.96 31.83 0.91
C ARG B 78 1.67 30.92 -0.28
N GLY B 79 0.40 30.84 -0.67
CA GLY B 79 0.00 30.01 -1.80
C GLY B 79 -1.49 29.79 -1.77
N PRO B 80 -2.08 29.21 -2.82
CA PRO B 80 -3.52 28.96 -2.88
C PRO B 80 -3.91 27.88 -1.89
N PHE B 81 -4.68 28.29 -0.89
CA PHE B 81 -5.14 27.39 0.21
C PHE B 81 -6.58 26.92 -0.11
N PHE B 82 -6.95 25.72 0.34
CA PHE B 82 -8.32 25.24 0.06
C PHE B 82 -8.93 24.49 1.22
N VAL B 83 -10.23 24.34 1.14
CA VAL B 83 -10.96 23.60 2.16
C VAL B 83 -11.99 22.83 1.33
N GLY B 84 -12.05 21.52 1.55
CA GLY B 84 -12.97 20.67 0.83
C GLY B 84 -13.78 19.81 1.76
N LEU B 85 -14.80 19.16 1.20
CA LEU B 85 -15.72 18.28 1.96
C LEU B 85 -15.75 16.95 1.29
N ILE B 86 -15.64 15.90 2.09
CA ILE B 86 -15.68 14.52 1.61
C ILE B 86 -16.85 13.83 2.35
N ALA B 87 -17.86 13.42 1.57
CA ALA B 87 -19.06 12.75 2.12
C ALA B 87 -19.24 11.48 1.28
N CYS B 88 -18.59 10.41 1.72
CA CYS B 88 -18.62 9.15 0.97
C CYS B 88 -18.51 8.05 1.99
N VAL B 89 -19.57 7.24 2.08
CA VAL B 89 -19.61 6.14 3.04
C VAL B 89 -18.86 4.91 2.51
N GLN B 90 -18.79 4.78 1.20
CA GLN B 90 -18.08 3.62 0.61
C GLN B 90 -16.58 3.71 0.95
N LEU B 91 -16.03 4.91 0.76
CA LEU B 91 -14.60 5.19 1.06
C LEU B 91 -14.34 4.77 2.51
N GLU B 92 -15.25 5.16 3.40
CA GLU B 92 -15.16 4.81 4.82
C GLU B 92 -15.09 3.30 5.01
N ARG B 93 -16.08 2.58 4.48
CA ARG B 93 -16.12 1.09 4.63
C ARG B 93 -14.92 0.39 4.00
N VAL B 94 -14.57 0.82 2.79
CA VAL B 94 -13.43 0.24 2.05
C VAL B 94 -12.11 0.35 2.88
N LEU B 95 -11.94 1.52 3.48
CA LEU B 95 -10.78 1.81 4.35
C LEU B 95 -10.88 1.03 5.72
N GLU B 96 -12.03 1.18 6.37
CA GLU B 96 -12.29 0.53 7.68
C GLU B 96 -12.10 -0.97 7.61
N THR B 97 -12.53 -1.55 6.49
CA THR B 97 -12.44 -3.01 6.36
C THR B 97 -11.08 -3.45 5.93
N ALA B 98 -10.35 -2.62 5.19
CA ALA B 98 -8.98 -3.02 4.77
C ALA B 98 -8.13 -3.08 6.03
N ALA B 99 -8.34 -2.13 6.91
CA ALA B 99 -7.57 -2.09 8.15
C ALA B 99 -7.95 -3.21 9.08
N SER B 100 -7.11 -4.23 9.05
CA SER B 100 -7.19 -5.41 9.95
C SER B 100 -6.30 -4.84 11.08
N ALA B 101 -6.71 -3.62 11.47
CA ALA B 101 -6.03 -2.79 12.45
C ALA B 101 -5.84 -3.39 13.84
N ALA B 102 -4.60 -3.21 14.27
CA ALA B 102 -4.13 -3.61 15.61
C ALA B 102 -4.37 -2.27 16.35
N ILE B 103 -3.71 -1.27 15.84
CA ILE B 103 -3.83 0.10 16.33
C ILE B 103 -3.36 1.09 15.25
N LEU B 111 -8.61 4.93 17.25
CA LEU B 111 -8.68 5.08 18.73
C LEU B 111 -10.12 4.99 19.33
N SER B 112 -11.06 5.67 18.67
CA SER B 112 -12.46 5.73 19.13
C SER B 112 -13.55 5.37 18.14
N ARG B 113 -13.55 6.01 16.98
CA ARG B 113 -14.62 5.78 15.98
C ARG B 113 -14.31 6.41 14.63
N GLU B 114 -14.91 7.57 14.38
CA GLU B 114 -14.63 8.31 13.14
C GLU B 114 -13.18 8.83 13.25
N GLU B 115 -12.64 8.73 14.45
CA GLU B 115 -11.24 9.11 14.66
C GLU B 115 -10.40 8.02 14.01
N ARG B 116 -10.88 6.79 14.09
CA ARG B 116 -10.15 5.69 13.44
C ARG B 116 -10.17 6.09 11.97
N LEU B 117 -11.34 6.48 11.50
CA LEU B 117 -11.48 6.87 10.08
C LEU B 117 -10.48 8.01 9.75
N LEU B 118 -10.40 8.99 10.64
CA LEU B 118 -9.51 10.13 10.42
C LEU B 118 -8.09 9.62 10.31
N TYR B 119 -7.75 8.80 11.29
CA TYR B 119 -6.42 8.20 11.36
C TYR B 119 -6.02 7.45 10.06
N LEU B 120 -6.95 6.66 9.56
CA LEU B 120 -6.72 5.89 8.34
C LEU B 120 -6.53 6.76 7.06
N ILE B 121 -7.47 7.64 6.79
CA ILE B 121 -7.37 8.42 5.56
C ILE B 121 -6.19 9.36 5.62
N THR B 122 -5.99 9.97 6.78
CA THR B 122 -4.85 10.92 6.94
C THR B 122 -3.51 10.28 6.53
N ASN B 123 -3.24 9.10 7.07
CA ASN B 123 -1.94 8.42 6.76
C ASN B 123 -1.89 7.70 5.44
N TYR B 124 -3.06 7.36 4.90
CA TYR B 124 -3.11 6.67 3.59
C TYR B 124 -3.05 7.66 2.42
N LEU B 125 -3.81 8.76 2.52
CA LEU B 125 -3.81 9.79 1.47
C LEU B 125 -3.43 11.14 2.15
N PRO B 126 -2.14 11.32 2.44
CA PRO B 126 -1.71 12.55 3.09
C PRO B 126 -1.50 13.78 2.22
N SER B 127 -1.49 13.62 0.90
CA SER B 127 -1.29 14.80 0.00
C SER B 127 -2.41 15.16 -0.99
N VAL B 128 -2.34 16.40 -1.50
CA VAL B 128 -3.31 16.91 -2.52
C VAL B 128 -2.51 17.13 -3.77
N SER B 129 -3.23 17.23 -4.86
CA SER B 129 -2.62 17.43 -6.15
C SER B 129 -3.64 18.19 -6.98
N LEU B 130 -3.26 19.40 -7.37
CA LEU B 130 -4.17 20.25 -8.17
C LEU B 130 -3.85 20.10 -9.60
N SER B 131 -4.87 19.71 -10.37
CA SER B 131 -4.67 19.61 -11.82
C SER B 131 -5.14 20.93 -12.40
N THR B 132 -4.40 21.41 -13.39
CA THR B 132 -4.73 22.67 -14.10
C THR B 132 -4.86 22.31 -15.59
N LYS B 133 -5.86 22.90 -16.26
CA LYS B 133 -6.13 22.66 -17.69
C LYS B 133 -5.04 23.33 -18.59
N PRO B 141 -3.93 33.25 -18.53
CA PRO B 141 -4.63 32.46 -17.49
C PRO B 141 -6.04 33.03 -17.27
N ASP B 142 -7.00 32.15 -16.92
CA ASP B 142 -8.42 32.57 -16.65
C ASP B 142 -9.10 31.67 -15.60
N ARG B 143 -10.34 31.99 -15.23
CA ARG B 143 -11.10 31.22 -14.18
C ARG B 143 -11.29 29.69 -14.39
N THR B 144 -10.91 29.20 -15.55
CA THR B 144 -11.03 27.76 -15.83
C THR B 144 -9.69 27.02 -15.71
N LEU B 145 -8.71 27.66 -15.08
CA LEU B 145 -7.37 27.03 -14.94
C LEU B 145 -7.39 25.79 -14.00
N PHE B 146 -7.97 25.94 -12.82
CA PHE B 146 -8.04 24.85 -11.84
C PHE B 146 -9.12 23.86 -12.27
N ALA B 147 -8.69 22.64 -12.56
CA ALA B 147 -9.61 21.53 -13.00
C ALA B 147 -10.21 20.68 -11.82
N HIS B 148 -9.32 20.19 -10.96
CA HIS B 148 -9.78 19.39 -9.82
C HIS B 148 -8.57 19.09 -8.94
N VAL B 149 -8.87 18.56 -7.76
CA VAL B 149 -7.84 18.17 -6.78
C VAL B 149 -8.03 16.69 -6.51
N ALA B 150 -6.88 16.03 -6.42
CA ALA B 150 -6.82 14.61 -6.19
C ALA B 150 -6.08 14.33 -4.88
N LEU B 151 -6.69 13.50 -4.03
CA LEU B 151 -6.05 13.09 -2.77
C LEU B 151 -5.07 12.03 -3.27
N CYS B 152 -3.93 11.97 -2.63
CA CYS B 152 -2.93 11.00 -3.04
C CYS B 152 -1.92 10.83 -1.90
N ALA B 153 -1.01 9.89 -2.10
CA ALA B 153 0.03 9.57 -1.12
C ALA B 153 1.11 10.64 -1.07
N ILE B 154 1.62 10.96 -2.25
CA ILE B 154 2.70 11.93 -2.36
C ILE B 154 2.41 12.76 -3.64
N GLY B 155 2.28 14.08 -3.44
CA GLY B 155 2.00 15.00 -4.55
C GLY B 155 3.27 15.47 -5.22
N ARG B 156 3.17 16.18 -6.33
CA ARG B 156 4.42 16.59 -7.01
C ARG B 156 4.91 17.99 -6.65
N ARG B 157 4.04 18.72 -5.98
CA ARG B 157 4.35 20.08 -5.56
C ARG B 157 4.62 20.02 -4.06
N LEU B 158 5.52 20.91 -3.63
CA LEU B 158 5.92 20.98 -2.21
C LEU B 158 4.81 21.52 -1.34
N GLY B 159 4.96 21.28 -0.04
CA GLY B 159 4.00 21.75 0.94
C GLY B 159 2.60 21.23 0.80
N THR B 160 2.38 20.29 -0.11
CA THR B 160 1.04 19.75 -0.32
C THR B 160 0.66 18.60 0.62
N ILE B 161 0.62 18.90 1.90
CA ILE B 161 0.22 17.89 2.86
C ILE B 161 -1.09 18.50 3.41
N VAL B 162 -2.13 17.68 3.45
CA VAL B 162 -3.42 18.17 3.92
C VAL B 162 -3.79 17.65 5.32
N THR B 163 -4.83 18.25 5.87
CA THR B 163 -5.36 17.90 7.19
C THR B 163 -6.83 17.45 6.94
N TYR B 164 -7.26 16.49 7.73
CA TYR B 164 -8.61 15.99 7.64
C TYR B 164 -9.27 16.15 9.03
N ASP B 165 -10.55 16.47 9.06
CA ASP B 165 -11.25 16.54 10.36
C ASP B 165 -12.77 16.62 10.14
N THR B 166 -13.52 16.41 11.22
CA THR B 166 -15.01 16.45 11.14
C THR B 166 -15.60 17.86 11.34
N SER B 167 -14.72 18.87 11.33
CA SER B 167 -15.12 20.29 11.49
C SER B 167 -14.10 21.07 10.69
N LEU B 168 -14.60 22.07 9.97
CA LEU B 168 -13.75 22.95 9.13
C LEU B 168 -12.73 23.64 10.02
N ASP B 169 -13.22 24.17 11.15
CA ASP B 169 -12.37 24.88 12.14
C ASP B 169 -11.23 24.01 12.64
N ALA B 170 -11.55 22.73 12.82
CA ALA B 170 -10.56 21.70 13.28
C ALA B 170 -9.51 21.37 12.18
N ALA B 171 -10.01 21.34 10.94
CA ALA B 171 -9.20 21.02 9.80
C ALA B 171 -8.18 22.12 9.46
N ILE B 172 -8.51 23.37 9.79
CA ILE B 172 -7.57 24.51 9.49
C ILE B 172 -6.67 24.94 10.70
N ALA B 173 -7.07 24.55 11.91
CA ALA B 173 -6.31 24.88 13.13
C ALA B 173 -4.81 24.50 13.11
N PRO B 174 -4.45 23.30 12.60
CA PRO B 174 -3.03 22.95 12.58
C PRO B 174 -2.22 23.91 11.72
N PHE B 175 -2.90 24.60 10.81
CA PHE B 175 -2.18 25.55 9.93
C PHE B 175 -1.87 26.90 10.64
N ARG B 176 -0.65 26.97 11.17
CA ARG B 176 -0.16 28.16 11.92
C ARG B 176 0.34 29.36 11.05
N HIS B 177 0.97 29.05 9.92
CA HIS B 177 1.48 30.14 9.04
C HIS B 177 0.38 30.50 8.02
N LEU B 178 -0.77 30.90 8.56
CA LEU B 178 -1.94 31.22 7.73
C LEU B 178 -2.43 32.64 8.00
N ASP B 179 -2.44 33.44 6.93
CA ASP B 179 -2.89 34.85 7.04
C ASP B 179 -4.28 34.89 7.67
N PRO B 180 -4.43 35.72 8.70
CA PRO B 180 -5.72 35.84 9.38
C PRO B 180 -6.92 36.00 8.43
N ALA B 181 -6.67 36.73 7.34
CA ALA B 181 -7.71 36.99 6.31
C ALA B 181 -8.15 35.68 5.64
N THR B 182 -7.16 34.84 5.38
CA THR B 182 -7.39 33.52 4.74
C THR B 182 -8.39 32.68 5.57
N ARG B 183 -8.21 32.70 6.88
CA ARG B 183 -9.10 31.94 7.81
C ARG B 183 -10.53 32.44 7.78
N GLU B 184 -10.66 33.76 7.92
CA GLU B 184 -11.99 34.39 7.91
C GLU B 184 -12.67 34.29 6.56
N GLY B 185 -11.85 34.24 5.52
CA GLY B 185 -12.37 34.14 4.17
C GLY B 185 -12.79 32.72 3.82
N VAL B 186 -11.93 31.76 4.18
CA VAL B 186 -12.18 30.32 3.89
C VAL B 186 -13.34 29.76 4.69
N ARG B 187 -13.60 30.36 5.85
CA ARG B 187 -14.76 29.93 6.69
C ARG B 187 -16.06 30.44 6.05
N ARG B 188 -16.03 31.70 5.68
CA ARG B 188 -17.20 32.37 5.07
C ARG B 188 -17.70 31.68 3.78
N GLU B 189 -16.79 31.49 2.82
CA GLU B 189 -17.19 30.83 1.55
C GLU B 189 -17.61 29.36 1.79
N ALA B 190 -16.90 28.67 2.67
CA ALA B 190 -17.20 27.26 2.96
C ALA B 190 -18.65 27.05 3.43
N ALA B 191 -19.06 27.87 4.39
CA ALA B 191 -20.46 27.81 4.94
C ALA B 191 -21.50 27.96 3.79
N GLU B 192 -21.27 28.94 2.95
CA GLU B 192 -22.15 29.20 1.80
C GLU B 192 -22.13 27.97 0.85
N ALA B 193 -20.93 27.68 0.35
CA ALA B 193 -20.70 26.54 -0.58
C ALA B 193 -21.38 25.27 -0.09
N GLU B 194 -21.27 25.02 1.22
CA GLU B 194 -21.90 23.81 1.78
C GLU B 194 -23.40 23.80 1.54
N LEU B 195 -24.02 24.95 1.76
CA LEU B 195 -25.49 25.09 1.55
C LEU B 195 -25.97 24.50 0.23
N ALA B 196 -25.23 24.75 -0.83
CA ALA B 196 -25.59 24.18 -2.15
C ALA B 196 -25.51 22.63 -2.07
N LEU B 197 -24.29 22.10 -2.07
CA LEU B 197 -24.09 20.63 -1.99
C LEU B 197 -24.43 20.06 -0.59
N ALA B 198 -25.37 20.73 0.06
CA ALA B 198 -25.82 20.33 1.40
C ALA B 198 -26.59 19.03 1.26
N GLY B 199 -26.04 18.03 1.94
CA GLY B 199 -26.65 16.73 1.92
C GLY B 199 -26.02 15.85 0.86
N ARG B 200 -25.31 16.40 -0.11
CA ARG B 200 -24.74 15.54 -1.15
C ARG B 200 -23.76 14.57 -0.55
N THR B 201 -23.86 13.34 -1.06
CA THR B 201 -23.02 12.20 -0.67
C THR B 201 -22.62 11.59 -1.97
N TRP B 202 -21.32 11.36 -2.12
CA TRP B 202 -20.79 10.77 -3.34
C TRP B 202 -20.83 9.28 -3.22
N ALA B 203 -20.98 8.59 -4.34
CA ALA B 203 -21.01 7.10 -4.29
C ALA B 203 -20.36 6.57 -5.54
N PRO B 204 -19.01 6.63 -5.62
CA PRO B 204 -18.27 6.14 -6.79
C PRO B 204 -18.43 4.64 -7.08
N GLY B 205 -18.66 3.87 -6.02
CA GLY B 205 -18.78 2.42 -6.14
C GLY B 205 -17.62 1.75 -5.42
N VAL B 206 -17.93 0.96 -4.40
CA VAL B 206 -16.88 0.33 -3.61
C VAL B 206 -15.78 -0.42 -4.41
N GLU B 207 -16.12 -1.03 -5.52
CA GLU B 207 -15.07 -1.74 -6.28
C GLU B 207 -14.15 -0.76 -6.98
N ALA B 208 -14.74 0.33 -7.46
CA ALA B 208 -13.95 1.39 -8.13
C ALA B 208 -12.96 1.94 -7.08
N LEU B 209 -13.50 2.15 -5.88
CA LEU B 209 -12.72 2.65 -4.75
C LEU B 209 -11.65 1.65 -4.39
N THR B 210 -12.06 0.40 -4.25
CA THR B 210 -11.14 -0.65 -3.91
C THR B 210 -10.01 -0.79 -4.93
N HIS B 211 -10.35 -0.71 -6.20
CA HIS B 211 -9.31 -0.83 -7.25
C HIS B 211 -8.43 0.39 -7.35
N THR B 212 -9.01 1.56 -7.08
CA THR B 212 -8.22 2.79 -7.12
C THR B 212 -7.19 2.82 -5.97
N LEU B 213 -7.63 2.50 -4.78
CA LEU B 213 -6.73 2.54 -3.65
C LEU B 213 -5.54 1.51 -3.72
N LEU B 214 -5.83 0.33 -4.27
CA LEU B 214 -4.78 -0.69 -4.41
C LEU B 214 -3.74 -0.07 -5.34
N SER B 215 -4.26 0.56 -6.38
CA SER B 215 -3.43 1.21 -7.39
C SER B 215 -2.52 2.27 -6.74
N THR B 216 -3.08 3.01 -5.79
CA THR B 216 -2.36 4.04 -5.09
C THR B 216 -1.20 3.36 -4.36
N ALA B 217 -1.49 2.17 -3.90
CA ALA B 217 -0.50 1.43 -3.15
C ALA B 217 0.55 0.81 -4.05
N VAL B 218 0.12 0.21 -5.14
CA VAL B 218 1.06 -0.45 -6.06
C VAL B 218 2.00 0.51 -6.79
N ASN B 219 1.47 1.64 -7.21
CA ASN B 219 2.30 2.63 -7.93
C ASN B 219 3.33 3.39 -7.06
N ASN B 220 3.13 3.34 -5.75
CA ASN B 220 4.05 4.02 -4.82
C ASN B 220 4.88 3.01 -4.01
N MET B 221 4.89 1.75 -4.43
CA MET B 221 5.65 0.74 -3.67
C MET B 221 7.19 0.93 -3.72
N MET B 222 7.67 1.46 -4.84
CA MET B 222 9.12 1.70 -5.03
C MET B 222 9.64 3.02 -4.39
N LEU B 223 8.76 3.68 -3.67
CA LEU B 223 9.11 4.93 -3.02
C LEU B 223 9.94 4.61 -1.80
N ARG B 224 11.18 5.06 -1.86
CA ARG B 224 12.06 4.88 -0.73
C ARG B 224 11.67 5.88 0.39
N ASP B 225 11.22 5.25 1.46
CA ASP B 225 10.76 5.91 2.67
C ASP B 225 9.50 6.75 2.65
N ARG B 226 9.28 7.67 1.72
CA ARG B 226 7.99 8.46 1.73
C ARG B 226 7.67 9.31 3.02
N TRP B 227 7.74 8.73 4.21
CA TRP B 227 7.45 9.48 5.48
C TRP B 227 8.36 10.68 5.75
N SER B 228 9.56 10.62 5.17
CA SER B 228 10.55 11.71 5.28
C SER B 228 9.93 12.87 4.56
N LEU B 229 9.63 12.65 3.28
CA LEU B 229 8.97 13.65 2.41
C LEU B 229 7.70 14.18 3.13
N VAL B 230 6.89 13.25 3.64
CA VAL B 230 5.68 13.70 4.34
C VAL B 230 6.09 14.64 5.49
N ALA B 231 7.12 14.26 6.24
CA ALA B 231 7.59 15.11 7.41
C ALA B 231 8.13 16.47 6.94
N GLU B 232 8.90 16.42 5.87
CA GLU B 232 9.49 17.64 5.32
C GLU B 232 8.42 18.64 4.83
N ARG B 233 7.51 18.10 4.03
CA ARG B 233 6.44 18.91 3.42
C ARG B 233 5.39 19.35 4.44
N ARG B 234 5.35 18.68 5.57
CA ARG B 234 4.41 19.07 6.65
C ARG B 234 5.01 20.37 7.24
N ARG B 235 6.34 20.37 7.35
CA ARG B 235 7.06 21.51 7.93
C ARG B 235 6.91 22.72 7.00
N GLN B 236 7.17 22.47 5.72
CA GLN B 236 7.03 23.52 4.70
C GLN B 236 5.63 24.20 4.82
N ALA B 237 4.57 23.39 4.93
CA ALA B 237 3.17 23.91 5.03
C ALA B 237 2.89 24.65 6.30
N GLY B 238 3.76 24.43 7.28
CA GLY B 238 3.61 25.07 8.57
C GLY B 238 2.57 24.39 9.42
N ILE B 239 2.39 23.10 9.17
CA ILE B 239 1.41 22.29 9.93
C ILE B 239 2.07 21.91 11.26
N ALA B 240 1.35 22.19 12.33
CA ALA B 240 1.82 21.88 13.68
C ALA B 240 0.58 21.60 14.53
N GLY B 241 0.71 20.67 15.46
CA GLY B 241 -0.42 20.36 16.31
C GLY B 241 -0.51 18.89 16.59
N HIS B 242 -1.59 18.50 17.25
CA HIS B 242 -1.84 17.08 17.63
C HIS B 242 -2.60 16.43 16.46
N THR B 243 -1.88 16.34 15.34
CA THR B 243 -2.41 15.76 14.11
C THR B 243 -2.38 14.18 14.14
N TYR B 244 -3.28 13.57 13.36
CA TYR B 244 -3.34 12.07 13.24
C TYR B 244 -2.18 11.64 12.34
N LEU B 245 -1.67 12.61 11.56
CA LEU B 245 -0.57 12.33 10.64
C LEU B 245 0.62 11.93 11.47
N GLN B 246 0.96 10.65 11.31
CA GLN B 246 2.07 10.01 12.02
C GLN B 246 3.44 10.34 11.44
N ALA B 247 3.63 11.62 11.10
CA ALA B 247 4.90 12.14 10.52
C ALA B 247 4.96 13.67 10.74
#